data_7M8W
#
_entry.id   7M8W
#
_cell.length_a   51.400
_cell.length_b   67.800
_cell.length_c   265.400
_cell.angle_alpha   90.000
_cell.angle_beta   90.000
_cell.angle_gamma   90.000
#
_symmetry.space_group_name_H-M   'P 21 21 21'
#
loop_
_entity.id
_entity.type
_entity.pdbx_description
1 polymer 'Prostaglandin D2 receptor 2, Endolysin chimera'
2 non-polymer '15R-methyl-prostaglandin D2'
3 non-polymer 'SODIUM ION'
4 non-polymer 'CITRATE ANION'
5 non-polymer 'SULFATE ION'
6 water water
#
_entity_poly.entity_id   1
_entity_poly.type   'polypeptide(L)'
_entity_poly.pdbx_seq_one_letter_code
;GMSANATLKPLCPILEQMSRLQSHSATSIRYIDHAAVLLHGLASLLGLVENGVILFVVGCRMRQTVVTTWVLHLALSDLL
ASASLPFFTYFLAVGHSWELGTTFCKLHSSIFFLNMFASGFLLSAISLDRCLQVVRPVWAQNHRTVAAAHKVCLVLWALA
VLNTVPYFVFRDTISRLDGRIMCYYNVLLLNPGPDRDATCNSRQAALAVSKFLLAFLVPLAIIASSHAAVSLRLQHRADL
GLQHRNIFEMLRIDEGGGSGGDEAEKLFNQDVDAAVRGILRNAKLKPVYDSLDAVRRAALINMVFQMGETGVAGFTNSLR
MLQQKRWDEAAVNLAKSRWYNQTPNRAKRVITTFRTGTWDAYRRRPGRFVRLVAAVVAAFALCWGPYHVFSLLEARAHAN
PGLRPLVWRGLPFVTSLAFFNSVANPVLYVLT(YCM)PDMLRKLRRSLRTVLESVLVDDSELGGAGSSLEVLFQ
;
_entity_poly.pdbx_strand_id   A
#
# COMPACT_ATOMS: atom_id res chain seq x y z
N ALA A 4 -20.67 -27.57 -20.65
CA ALA A 4 -20.99 -26.88 -21.90
C ALA A 4 -21.41 -27.87 -22.98
N ASN A 5 -20.44 -28.42 -23.71
CA ASN A 5 -20.71 -29.34 -24.81
C ASN A 5 -20.90 -30.74 -24.24
N ALA A 6 -22.13 -31.00 -23.77
CA ALA A 6 -22.48 -32.28 -23.16
C ALA A 6 -21.53 -32.63 -22.02
N THR A 7 -21.24 -31.64 -21.18
CA THR A 7 -20.44 -31.81 -19.98
C THR A 7 -21.26 -31.44 -18.76
N LEU A 8 -21.08 -32.18 -17.67
CA LEU A 8 -21.73 -31.89 -16.40
C LEU A 8 -20.66 -31.58 -15.35
N LYS A 9 -21.00 -30.67 -14.44
CA LYS A 9 -20.08 -30.28 -13.37
C LYS A 9 -20.89 -30.21 -12.07
N PRO A 10 -20.40 -30.80 -10.97
CA PRO A 10 -21.12 -30.68 -9.70
C PRO A 10 -20.93 -29.30 -9.10
N LEU A 11 -22.04 -28.68 -8.68
CA LEU A 11 -22.04 -27.36 -8.10
C LEU A 11 -22.49 -27.42 -6.65
N CYS A 12 -22.11 -26.39 -5.89
CA CYS A 12 -22.52 -26.26 -4.51
C CYS A 12 -23.96 -25.78 -4.41
N PRO A 13 -24.64 -26.06 -3.30
CA PRO A 13 -26.05 -25.67 -3.20
C PRO A 13 -26.27 -24.18 -3.42
N ILE A 14 -25.35 -23.33 -2.98
CA ILE A 14 -25.54 -21.89 -3.11
C ILE A 14 -25.57 -21.49 -4.59
N LEU A 15 -24.62 -22.00 -5.37
CA LEU A 15 -24.60 -21.68 -6.79
C LEU A 15 -25.68 -22.44 -7.56
N GLU A 16 -25.88 -23.71 -7.23
CA GLU A 16 -26.95 -24.47 -7.87
C GLU A 16 -28.29 -23.78 -7.68
N GLN A 17 -28.47 -23.09 -6.56
CA GLN A 17 -29.69 -22.32 -6.33
C GLN A 17 -29.66 -20.99 -7.08
N MET A 18 -28.52 -20.30 -7.05
CA MET A 18 -28.37 -19.07 -7.83
C MET A 18 -28.59 -19.35 -9.32
N SER A 19 -28.22 -20.55 -9.78
CA SER A 19 -28.44 -20.91 -11.18
C SER A 19 -29.92 -21.06 -11.49
N ARG A 20 -30.66 -21.71 -10.59
CA ARG A 20 -32.09 -21.93 -10.79
C ARG A 20 -32.94 -20.73 -10.40
N LEU A 21 -32.31 -19.63 -9.98
CA LEU A 21 -33.03 -18.40 -9.69
C LEU A 21 -33.62 -17.86 -10.99
N GLN A 22 -34.94 -17.75 -11.05
CA GLN A 22 -35.63 -17.34 -12.27
C GLN A 22 -35.88 -15.83 -12.22
N SER A 23 -35.03 -15.07 -12.91
CA SER A 23 -35.29 -13.65 -13.11
C SER A 23 -36.42 -13.49 -14.12
N HIS A 24 -37.39 -12.63 -13.78
CA HIS A 24 -38.64 -12.49 -14.55
C HIS A 24 -39.29 -13.87 -14.56
N SER A 25 -39.66 -14.43 -15.74
CA SER A 25 -40.48 -15.65 -15.79
C SER A 25 -40.00 -16.57 -16.93
N ALA A 26 -38.84 -17.19 -16.73
CA ALA A 26 -38.35 -18.27 -17.59
C ALA A 26 -38.55 -17.93 -19.06
N THR A 27 -37.96 -16.81 -19.49
CA THR A 27 -38.22 -16.29 -20.82
C THR A 27 -36.98 -15.74 -21.51
N SER A 28 -35.80 -15.89 -20.93
CA SER A 28 -34.54 -15.54 -21.58
C SER A 28 -34.39 -14.05 -21.84
N ILE A 29 -35.43 -13.25 -21.58
CA ILE A 29 -35.36 -11.80 -21.75
C ILE A 29 -34.66 -11.21 -20.54
N ARG A 30 -33.69 -10.33 -20.78
CA ARG A 30 -32.84 -9.76 -19.75
C ARG A 30 -33.24 -8.32 -19.49
N TYR A 31 -33.47 -7.99 -18.22
CA TYR A 31 -33.73 -6.62 -17.81
C TYR A 31 -32.40 -5.91 -17.54
N ILE A 32 -32.30 -4.68 -18.03
CA ILE A 32 -31.06 -3.90 -17.95
C ILE A 32 -31.32 -2.70 -17.06
N ASP A 33 -30.58 -2.62 -15.95
CA ASP A 33 -30.64 -1.47 -15.04
C ASP A 33 -29.72 -0.40 -15.60
N HIS A 34 -30.26 0.38 -16.54
CA HIS A 34 -29.46 1.40 -17.21
C HIS A 34 -28.83 2.38 -16.22
N ALA A 35 -29.46 2.57 -15.07
CA ALA A 35 -28.90 3.47 -14.06
C ALA A 35 -27.53 2.99 -13.60
N ALA A 36 -27.44 1.71 -13.23
CA ALA A 36 -26.17 1.18 -12.73
C ALA A 36 -25.08 1.27 -13.79
N VAL A 37 -25.41 0.95 -15.04
CA VAL A 37 -24.40 0.91 -16.10
C VAL A 37 -23.71 2.26 -16.20
N LEU A 38 -24.47 3.34 -16.28
CA LEU A 38 -23.87 4.66 -16.41
C LEU A 38 -23.05 5.00 -15.19
N LEU A 39 -23.57 4.70 -14.00
CA LEU A 39 -22.83 4.96 -12.76
C LEU A 39 -21.45 4.32 -12.80
N HIS A 40 -21.41 3.00 -12.94
CA HIS A 40 -20.12 2.31 -12.99
C HIS A 40 -19.28 2.77 -14.16
N GLY A 41 -19.91 2.97 -15.32
CA GLY A 41 -19.16 3.46 -16.48
C GLY A 41 -18.50 4.80 -16.20
N LEU A 42 -19.26 5.73 -15.64
CA LEU A 42 -18.68 7.01 -15.22
C LEU A 42 -17.59 6.78 -14.17
N ALA A 43 -17.85 5.89 -13.22
CA ALA A 43 -16.84 5.55 -12.22
C ALA A 43 -15.56 5.07 -12.90
N SER A 44 -15.70 4.17 -13.87
CA SER A 44 -14.52 3.69 -14.59
C SER A 44 -13.74 4.85 -15.19
N LEU A 45 -14.44 5.82 -15.77
CA LEU A 45 -13.76 6.98 -16.35
C LEU A 45 -13.05 7.79 -15.27
N LEU A 46 -13.78 8.16 -14.22
CA LEU A 46 -13.18 8.97 -13.16
C LEU A 46 -11.98 8.26 -12.53
N GLY A 47 -12.16 6.99 -12.15
CA GLY A 47 -11.09 6.28 -11.47
C GLY A 47 -9.82 6.22 -12.30
N LEU A 48 -9.95 6.04 -13.61
CA LEU A 48 -8.77 5.96 -14.47
C LEU A 48 -8.09 7.32 -14.55
N VAL A 49 -8.85 8.38 -14.79
CA VAL A 49 -8.27 9.71 -14.94
C VAL A 49 -7.73 10.20 -13.61
N GLU A 50 -8.47 10.00 -12.53
CA GLU A 50 -8.03 10.49 -11.22
C GLU A 50 -6.69 9.87 -10.83
N ASN A 51 -6.64 8.54 -10.69
CA ASN A 51 -5.40 7.90 -10.30
C ASN A 51 -4.30 8.11 -11.33
N GLY A 52 -4.66 8.43 -12.57
CA GLY A 52 -3.64 8.76 -13.55
C GLY A 52 -2.92 10.06 -13.22
N VAL A 53 -3.67 11.12 -12.94
CA VAL A 53 -3.06 12.40 -12.62
C VAL A 53 -2.33 12.31 -11.28
N ILE A 54 -2.85 11.53 -10.34
CA ILE A 54 -2.17 11.38 -9.04
C ILE A 54 -0.80 10.73 -9.25
N LEU A 55 -0.74 9.69 -10.08
CA LEU A 55 0.54 9.05 -10.35
C LEU A 55 1.53 10.02 -10.97
N PHE A 56 1.05 10.95 -11.80
CA PHE A 56 1.95 11.92 -12.43
C PHE A 56 2.41 12.97 -11.43
N VAL A 57 1.49 13.55 -10.68
CA VAL A 57 1.85 14.61 -9.74
C VAL A 57 2.84 14.10 -8.70
N VAL A 58 2.47 13.02 -8.00
CA VAL A 58 3.35 12.46 -6.98
C VAL A 58 4.63 11.93 -7.61
N GLY A 59 4.52 11.34 -8.80
CA GLY A 59 5.64 10.68 -9.43
C GLY A 59 6.66 11.62 -10.05
N CYS A 60 6.20 12.56 -10.88
CA CYS A 60 7.10 13.40 -11.65
C CYS A 60 7.22 14.83 -11.14
N ARG A 61 6.23 15.33 -10.40
CA ARG A 61 6.20 16.73 -9.98
C ARG A 61 6.25 16.87 -8.46
N MET A 62 6.93 15.96 -7.76
CA MET A 62 6.94 15.98 -6.31
C MET A 62 8.26 15.40 -5.82
N ARG A 63 8.76 15.97 -4.72
CA ARG A 63 10.02 15.51 -4.14
C ARG A 63 9.84 14.10 -3.59
N GLN A 64 10.55 13.14 -4.18
CA GLN A 64 10.36 11.73 -3.84
C GLN A 64 10.86 11.47 -2.43
N THR A 65 9.94 11.12 -1.54
CA THR A 65 10.24 10.71 -0.18
C THR A 65 9.76 9.28 0.03
N VAL A 66 9.85 8.79 1.27
CA VAL A 66 9.36 7.46 1.58
C VAL A 66 7.84 7.43 1.60
N VAL A 67 7.22 8.47 2.18
CA VAL A 67 5.77 8.50 2.26
C VAL A 67 5.16 8.57 0.88
N THR A 68 5.73 9.38 -0.01
CA THR A 68 5.25 9.45 -1.38
C THR A 68 5.28 8.07 -2.04
N THR A 69 6.26 7.24 -1.67
CA THR A 69 6.36 5.91 -2.26
C THR A 69 5.18 5.02 -1.84
N TRP A 70 4.68 5.19 -0.62
CA TRP A 70 3.48 4.45 -0.23
C TRP A 70 2.27 4.94 -1.01
N VAL A 71 2.08 6.26 -1.08
CA VAL A 71 0.94 6.81 -1.80
C VAL A 71 0.97 6.41 -3.26
N LEU A 72 2.17 6.32 -3.84
CA LEU A 72 2.28 5.98 -5.26
C LEU A 72 1.75 4.58 -5.53
N HIS A 73 2.25 3.58 -4.78
CA HIS A 73 1.78 2.22 -4.97
C HIS A 73 0.30 2.11 -4.61
N LEU A 74 -0.14 2.86 -3.60
CA LEU A 74 -1.54 2.81 -3.20
C LEU A 74 -2.45 3.32 -4.30
N ALA A 75 -2.00 4.29 -5.08
CA ALA A 75 -2.76 4.77 -6.23
C ALA A 75 -2.60 3.88 -7.44
N LEU A 76 -1.53 3.08 -7.52
CA LEU A 76 -1.40 2.12 -8.60
C LEU A 76 -2.46 1.03 -8.48
N SER A 77 -2.63 0.48 -7.27
CA SER A 77 -3.68 -0.51 -7.06
C SER A 77 -5.04 0.05 -7.46
N ASP A 78 -5.36 1.26 -6.99
CA ASP A 78 -6.63 1.87 -7.34
C ASP A 78 -6.77 2.05 -8.84
N LEU A 79 -5.66 2.25 -9.55
CA LEU A 79 -5.71 2.33 -11.00
C LEU A 79 -6.08 0.99 -11.61
N LEU A 80 -5.46 -0.10 -11.13
CA LEU A 80 -5.79 -1.42 -11.65
C LEU A 80 -7.26 -1.76 -11.41
N ALA A 81 -7.77 -1.42 -10.22
CA ALA A 81 -9.19 -1.60 -9.95
C ALA A 81 -10.03 -0.79 -10.94
N SER A 82 -9.65 0.47 -11.15
CA SER A 82 -10.35 1.30 -12.12
C SER A 82 -10.27 0.72 -13.52
N ALA A 83 -9.24 -0.09 -13.79
CA ALA A 83 -9.08 -0.67 -15.12
C ALA A 83 -9.92 -1.93 -15.30
N SER A 84 -10.20 -2.65 -14.22
CA SER A 84 -11.11 -3.79 -14.30
C SER A 84 -12.57 -3.35 -14.27
N LEU A 85 -12.86 -2.18 -13.71
CA LEU A 85 -14.24 -1.74 -13.58
C LEU A 85 -14.96 -1.65 -14.93
N PRO A 86 -14.35 -1.19 -16.02
CA PRO A 86 -15.06 -1.19 -17.30
C PRO A 86 -15.71 -2.52 -17.64
N PHE A 87 -14.99 -3.63 -17.45
CA PHE A 87 -15.56 -4.93 -17.76
C PHE A 87 -16.73 -5.27 -16.83
N PHE A 88 -16.72 -4.73 -15.61
CA PHE A 88 -17.85 -4.96 -14.72
C PHE A 88 -19.07 -4.17 -15.15
N THR A 89 -18.88 -3.06 -15.88
CA THR A 89 -20.03 -2.31 -16.40
C THR A 89 -20.66 -3.04 -17.57
N TYR A 90 -19.84 -3.60 -18.46
CA TYR A 90 -20.37 -4.40 -19.56
C TYR A 90 -21.20 -5.56 -19.04
N PHE A 91 -20.74 -6.21 -17.97
CA PHE A 91 -21.52 -7.28 -17.35
C PHE A 91 -22.91 -6.80 -16.96
N LEU A 92 -23.05 -5.54 -16.58
CA LEU A 92 -24.35 -5.00 -16.21
C LEU A 92 -25.17 -4.59 -17.44
N ALA A 93 -24.50 -4.03 -18.46
CA ALA A 93 -25.22 -3.61 -19.66
C ALA A 93 -25.82 -4.82 -20.38
N VAL A 94 -25.08 -5.92 -20.43
CA VAL A 94 -25.60 -7.14 -21.06
C VAL A 94 -26.85 -7.63 -20.34
N GLY A 95 -26.97 -7.32 -19.06
CA GLY A 95 -28.07 -7.82 -18.26
C GLY A 95 -27.60 -8.81 -17.22
N HIS A 96 -26.43 -8.55 -16.64
CA HIS A 96 -25.85 -9.40 -15.61
C HIS A 96 -25.52 -10.78 -16.16
N SER A 97 -24.57 -10.82 -17.10
CA SER A 97 -24.10 -12.08 -17.66
C SER A 97 -22.67 -11.88 -18.14
N TRP A 98 -21.83 -12.87 -17.89
CA TRP A 98 -20.43 -12.84 -18.31
C TRP A 98 -20.31 -13.49 -19.68
N GLU A 99 -20.09 -12.68 -20.71
CA GLU A 99 -20.08 -13.15 -22.10
C GLU A 99 -18.68 -13.15 -22.70
N LEU A 100 -17.64 -13.07 -21.86
CA LEU A 100 -16.28 -12.94 -22.36
C LEU A 100 -15.43 -14.14 -21.98
N GLY A 101 -15.88 -15.35 -22.32
CA GLY A 101 -15.11 -16.54 -22.08
C GLY A 101 -14.82 -16.78 -20.61
N THR A 102 -14.18 -17.92 -20.31
CA THR A 102 -13.90 -18.30 -18.93
C THR A 102 -12.58 -17.73 -18.43
N THR A 103 -11.54 -17.73 -19.27
CA THR A 103 -10.22 -17.33 -18.80
C THR A 103 -10.19 -15.86 -18.36
N PHE A 104 -11.02 -15.01 -18.98
CA PHE A 104 -11.06 -13.61 -18.57
C PHE A 104 -11.83 -13.43 -17.27
N CYS A 105 -12.80 -14.30 -17.00
CA CYS A 105 -13.50 -14.25 -15.72
C CYS A 105 -12.56 -14.44 -14.55
N LYS A 106 -11.41 -15.08 -14.77
CA LYS A 106 -10.43 -15.25 -13.69
C LYS A 106 -9.57 -14.00 -13.54
N LEU A 107 -8.97 -13.52 -14.63
CA LEU A 107 -8.10 -12.35 -14.56
C LEU A 107 -8.86 -11.14 -14.03
N HIS A 108 -10.02 -10.85 -14.63
CA HIS A 108 -10.81 -9.69 -14.22
C HIS A 108 -11.09 -9.73 -12.72
N SER A 109 -11.50 -10.89 -12.21
CA SER A 109 -11.82 -11.02 -10.80
C SER A 109 -10.58 -10.89 -9.93
N SER A 110 -9.50 -11.57 -10.33
CA SER A 110 -8.26 -11.51 -9.55
C SER A 110 -7.81 -10.07 -9.36
N ILE A 111 -8.01 -9.23 -10.37
CA ILE A 111 -7.62 -7.83 -10.26
C ILE A 111 -8.34 -7.17 -9.08
N PHE A 112 -9.64 -7.44 -8.92
CA PHE A 112 -10.38 -6.91 -7.79
C PHE A 112 -9.78 -7.39 -6.47
N PHE A 113 -9.42 -8.67 -6.40
CA PHE A 113 -8.83 -9.21 -5.17
C PHE A 113 -7.39 -8.78 -4.98
N LEU A 114 -6.67 -8.51 -6.08
CA LEU A 114 -5.29 -8.04 -5.95
C LEU A 114 -5.23 -6.69 -5.26
N ASN A 115 -6.09 -5.74 -5.68
CA ASN A 115 -6.12 -4.44 -5.03
C ASN A 115 -6.59 -4.53 -3.59
N MET A 116 -7.39 -5.55 -3.27
CA MET A 116 -7.85 -5.73 -1.90
C MET A 116 -6.69 -6.07 -0.97
N PHE A 117 -5.94 -7.14 -1.29
CA PHE A 117 -4.80 -7.50 -0.45
C PHE A 117 -3.75 -6.40 -0.46
N ALA A 118 -3.47 -5.83 -1.63
CA ALA A 118 -2.42 -4.82 -1.72
C ALA A 118 -2.76 -3.58 -0.90
N SER A 119 -4.01 -3.10 -1.01
CA SER A 119 -4.40 -1.91 -0.25
C SER A 119 -4.28 -2.17 1.24
N GLY A 120 -4.69 -3.36 1.69
CA GLY A 120 -4.58 -3.68 3.10
C GLY A 120 -3.13 -3.77 3.57
N PHE A 121 -2.27 -4.41 2.77
CA PHE A 121 -0.88 -4.55 3.17
C PHE A 121 -0.17 -3.20 3.21
N LEU A 122 -0.39 -2.36 2.20
CA LEU A 122 0.28 -1.06 2.16
C LEU A 122 -0.14 -0.20 3.34
N LEU A 123 -1.44 -0.18 3.66
CA LEU A 123 -1.90 0.64 4.77
C LEU A 123 -1.26 0.19 6.08
N SER A 124 -1.03 -1.11 6.23
CA SER A 124 -0.28 -1.59 7.39
C SER A 124 1.16 -1.08 7.35
N ALA A 125 1.78 -1.10 6.16
CA ALA A 125 3.14 -0.62 6.02
C ALA A 125 3.23 0.87 6.36
N ILE A 126 2.27 1.67 5.89
CA ILE A 126 2.26 3.09 6.18
C ILE A 126 2.16 3.31 7.69
N SER A 127 1.33 2.51 8.36
CA SER A 127 1.19 2.66 9.81
C SER A 127 2.48 2.33 10.54
N LEU A 128 3.05 1.16 10.25
CA LEU A 128 4.28 0.77 10.94
C LEU A 128 5.42 1.72 10.61
N ASP A 129 5.46 2.23 9.39
CA ASP A 129 6.45 3.25 9.04
C ASP A 129 6.32 4.46 9.96
N ARG A 130 5.11 5.01 10.07
CA ARG A 130 4.90 6.15 10.96
C ARG A 130 5.23 5.79 12.40
N CYS A 131 5.13 4.51 12.76
CA CYS A 131 5.41 4.11 14.14
C CYS A 131 6.92 4.06 14.40
N LEU A 132 7.68 3.45 13.50
CA LEU A 132 9.13 3.43 13.66
C LEU A 132 9.70 4.84 13.56
N GLN A 133 9.04 5.73 12.81
CA GLN A 133 9.50 7.11 12.70
C GLN A 133 9.50 7.80 14.05
N VAL A 134 8.54 7.46 14.91
CA VAL A 134 8.40 8.11 16.22
C VAL A 134 9.11 7.34 17.32
N VAL A 135 9.05 6.00 17.26
CA VAL A 135 9.54 5.19 18.38
C VAL A 135 11.02 4.86 18.27
N ARG A 136 11.57 4.79 17.06
CA ARG A 136 12.98 4.50 16.84
C ARG A 136 13.59 5.60 15.97
N PRO A 137 13.68 6.82 16.49
CA PRO A 137 14.20 7.92 15.65
C PRO A 137 15.60 7.67 15.10
N VAL A 138 16.51 7.19 15.95
CA VAL A 138 17.90 7.04 15.52
C VAL A 138 17.99 6.02 14.38
N TRP A 139 17.39 4.85 14.57
CA TRP A 139 17.43 3.84 13.51
C TRP A 139 16.72 4.31 12.26
N ALA A 140 15.67 5.13 12.41
CA ALA A 140 14.91 5.57 11.26
C ALA A 140 15.73 6.53 10.40
N GLN A 141 16.38 7.51 11.02
CA GLN A 141 17.15 8.48 10.28
C GLN A 141 18.38 7.89 9.60
N ASN A 142 18.65 6.59 9.80
CA ASN A 142 19.76 5.92 9.15
C ASN A 142 19.34 4.80 8.20
N HIS A 143 18.06 4.41 8.19
CA HIS A 143 17.62 3.34 7.30
C HIS A 143 16.29 3.60 6.60
N ARG A 144 15.55 4.66 6.95
CA ARG A 144 14.35 5.04 6.20
C ARG A 144 14.77 5.73 4.91
N THR A 145 15.09 4.93 3.90
CA THR A 145 15.50 5.42 2.60
C THR A 145 14.48 4.99 1.55
N VAL A 146 14.21 5.89 0.59
CA VAL A 146 13.22 5.59 -0.44
C VAL A 146 13.55 4.30 -1.15
N ALA A 147 14.83 3.93 -1.21
CA ALA A 147 15.20 2.65 -1.81
C ALA A 147 14.51 1.50 -1.10
N ALA A 148 14.56 1.50 0.23
CA ALA A 148 13.91 0.43 0.99
C ALA A 148 12.41 0.47 0.82
N ALA A 149 11.82 1.66 0.91
CA ALA A 149 10.37 1.77 0.75
C ALA A 149 9.92 1.13 -0.55
N HIS A 150 10.66 1.35 -1.64
CA HIS A 150 10.32 0.72 -2.90
CA HIS A 150 10.32 0.72 -2.90
C HIS A 150 10.43 -0.80 -2.80
N LYS A 151 11.50 -1.30 -2.16
CA LYS A 151 11.67 -2.74 -2.03
C LYS A 151 10.56 -3.36 -1.19
N VAL A 152 10.14 -2.68 -0.13
CA VAL A 152 9.05 -3.21 0.71
C VAL A 152 7.78 -3.35 -0.12
N CYS A 153 7.47 -2.34 -0.92
CA CYS A 153 6.25 -2.40 -1.74
C CYS A 153 6.25 -3.63 -2.63
N LEU A 154 7.40 -3.94 -3.24
CA LEU A 154 7.47 -5.09 -4.13
C LEU A 154 7.16 -6.38 -3.38
N VAL A 155 7.70 -6.53 -2.17
CA VAL A 155 7.40 -7.71 -1.37
C VAL A 155 5.92 -7.79 -1.07
N LEU A 156 5.31 -6.67 -0.71
CA LEU A 156 3.88 -6.67 -0.42
C LEU A 156 3.06 -7.04 -1.65
N TRP A 157 3.44 -6.52 -2.82
CA TRP A 157 2.76 -6.90 -4.05
C TRP A 157 2.88 -8.40 -4.30
N ALA A 158 4.08 -8.95 -4.11
CA ALA A 158 4.26 -10.39 -4.28
C ALA A 158 3.38 -11.16 -3.31
N LEU A 159 3.30 -10.71 -2.06
CA LEU A 159 2.38 -11.32 -1.11
C LEU A 159 0.94 -11.14 -1.53
N ALA A 160 0.62 -9.99 -2.15
CA ALA A 160 -0.74 -9.76 -2.62
C ALA A 160 -1.07 -10.68 -3.79
N VAL A 161 -0.18 -10.76 -4.77
CA VAL A 161 -0.38 -11.65 -5.91
C VAL A 161 -0.47 -13.10 -5.45
N LEU A 162 0.06 -13.41 -4.26
CA LEU A 162 0.08 -14.79 -3.80
C LEU A 162 -1.22 -15.19 -3.13
N ASN A 163 -1.80 -14.29 -2.32
CA ASN A 163 -3.08 -14.59 -1.68
C ASN A 163 -4.26 -14.52 -2.64
N THR A 164 -4.07 -13.95 -3.84
CA THR A 164 -5.10 -13.95 -4.86
C THR A 164 -5.04 -15.17 -5.77
N VAL A 165 -3.98 -15.97 -5.69
CA VAL A 165 -3.90 -17.18 -6.51
C VAL A 165 -5.10 -18.09 -6.29
N PRO A 166 -5.52 -18.38 -5.06
CA PRO A 166 -6.69 -19.26 -4.89
C PRO A 166 -7.93 -18.74 -5.60
N TYR A 167 -8.16 -17.44 -5.58
CA TYR A 167 -9.34 -16.88 -6.21
C TYR A 167 -9.29 -17.00 -7.72
N PHE A 168 -8.10 -16.89 -8.31
CA PHE A 168 -7.96 -17.10 -9.74
C PHE A 168 -8.30 -18.53 -10.12
N VAL A 169 -8.01 -19.48 -9.24
CA VAL A 169 -8.18 -20.89 -9.59
C VAL A 169 -9.65 -21.28 -9.57
N PHE A 170 -10.38 -20.86 -8.54
CA PHE A 170 -11.76 -21.30 -8.36
C PHE A 170 -12.77 -20.38 -9.01
N ARG A 171 -12.34 -19.45 -9.85
CA ARG A 171 -13.26 -18.65 -10.65
C ARG A 171 -13.69 -19.46 -11.85
N ASP A 172 -14.99 -19.70 -11.97
CA ASP A 172 -15.53 -20.47 -13.08
C ASP A 172 -16.74 -19.75 -13.66
N THR A 173 -17.12 -20.15 -14.86
CA THR A 173 -18.31 -19.65 -15.53
C THR A 173 -19.43 -20.65 -15.36
N ILE A 174 -20.50 -20.26 -14.69
CA ILE A 174 -21.65 -21.11 -14.42
C ILE A 174 -22.84 -20.59 -15.22
N SER A 175 -23.50 -21.48 -15.95
CA SER A 175 -24.64 -21.11 -16.78
C SER A 175 -25.91 -21.10 -15.95
N ARG A 176 -26.64 -19.99 -16.01
CA ARG A 176 -27.96 -19.91 -15.41
C ARG A 176 -29.02 -20.44 -16.37
N LEU A 177 -30.22 -20.68 -15.84
CA LEU A 177 -31.34 -21.07 -16.68
C LEU A 177 -31.83 -19.91 -17.53
N ASP A 178 -31.58 -18.67 -17.11
CA ASP A 178 -32.00 -17.50 -17.87
C ASP A 178 -31.30 -17.39 -19.21
N GLY A 179 -30.32 -18.25 -19.49
CA GLY A 179 -29.35 -17.98 -20.53
C GLY A 179 -28.20 -17.11 -20.07
N ARG A 180 -28.27 -16.57 -18.85
CA ARG A 180 -27.17 -15.78 -18.31
C ARG A 180 -26.02 -16.68 -17.91
N ILE A 181 -24.80 -16.16 -18.07
CA ILE A 181 -23.58 -16.85 -17.67
C ILE A 181 -23.04 -16.13 -16.45
N MET A 182 -22.87 -16.86 -15.36
CA MET A 182 -22.30 -16.31 -14.15
C MET A 182 -20.78 -16.44 -14.18
N CYS A 183 -20.11 -15.55 -13.45
CA CYS A 183 -18.67 -15.62 -13.19
C CYS A 183 -18.52 -15.51 -11.69
N TYR A 184 -18.31 -16.64 -11.03
CA TYR A 184 -18.40 -16.69 -9.57
C TYR A 184 -17.62 -17.89 -9.07
N TYR A 185 -17.53 -17.99 -7.74
CA TYR A 185 -16.79 -19.09 -7.12
C TYR A 185 -17.27 -20.43 -7.64
N ASN A 186 -16.33 -21.37 -7.76
CA ASN A 186 -16.63 -22.77 -8.05
C ASN A 186 -15.73 -23.59 -7.13
N VAL A 187 -16.18 -23.74 -5.87
CA VAL A 187 -15.38 -24.43 -4.87
C VAL A 187 -15.02 -25.83 -5.33
N LEU A 188 -15.97 -26.54 -5.92
CA LEU A 188 -15.76 -27.92 -6.34
C LEU A 188 -15.08 -28.03 -7.71
N LEU A 189 -14.51 -26.94 -8.22
CA LEU A 189 -13.91 -26.99 -9.55
C LEU A 189 -12.78 -27.99 -9.62
N LEU A 190 -12.06 -28.19 -8.51
CA LEU A 190 -10.91 -29.09 -8.49
C LEU A 190 -10.85 -29.86 -7.19
N ASN A 191 -10.34 -31.10 -7.29
CA ASN A 191 -10.22 -32.07 -6.20
C ASN A 191 -11.31 -31.88 -5.14
N PRO A 192 -12.57 -32.13 -5.48
CA PRO A 192 -13.64 -32.07 -4.48
C PRO A 192 -13.54 -33.23 -3.51
N GLY A 193 -14.17 -33.07 -2.35
CA GLY A 193 -14.10 -34.08 -1.32
C GLY A 193 -15.17 -35.14 -1.48
N PRO A 194 -14.95 -36.31 -0.88
CA PRO A 194 -16.00 -37.34 -0.87
C PRO A 194 -17.31 -36.84 -0.30
N ASP A 195 -17.29 -35.80 0.53
CA ASP A 195 -18.48 -35.19 1.10
C ASP A 195 -18.54 -33.77 0.54
N ARG A 196 -19.22 -33.59 -0.60
CA ARG A 196 -19.26 -32.29 -1.25
C ARG A 196 -19.85 -31.23 -0.34
N ASP A 197 -20.91 -31.58 0.40
CA ASP A 197 -21.48 -30.63 1.36
C ASP A 197 -20.41 -30.10 2.30
N ALA A 198 -19.45 -30.95 2.67
CA ALA A 198 -18.35 -30.50 3.54
C ALA A 198 -17.39 -29.60 2.78
N THR A 199 -16.98 -30.02 1.57
CA THR A 199 -16.02 -29.22 0.81
C THR A 199 -16.59 -27.85 0.47
N CYS A 200 -17.84 -27.81 0.01
CA CYS A 200 -18.48 -26.54 -0.30
C CYS A 200 -18.49 -25.63 0.93
N ASN A 201 -18.95 -26.17 2.07
CA ASN A 201 -18.94 -25.38 3.30
C ASN A 201 -17.53 -25.06 3.74
N SER A 202 -16.64 -26.05 3.69
CA SER A 202 -15.27 -25.87 4.17
C SER A 202 -14.56 -24.78 3.38
N ARG A 203 -14.39 -24.99 2.08
CA ARG A 203 -13.59 -24.07 1.29
C ARG A 203 -14.21 -22.68 1.23
N GLN A 204 -15.52 -22.59 1.00
CA GLN A 204 -16.16 -21.28 0.89
C GLN A 204 -16.05 -20.49 2.19
N ALA A 205 -15.89 -21.16 3.32
CA ALA A 205 -15.66 -20.48 4.59
C ALA A 205 -14.20 -20.11 4.81
N ALA A 206 -13.28 -20.96 4.35
CA ALA A 206 -11.86 -20.64 4.52
C ALA A 206 -11.48 -19.40 3.74
N LEU A 207 -11.94 -19.29 2.50
CA LEU A 207 -11.60 -18.14 1.67
C LEU A 207 -12.14 -16.85 2.29
N ALA A 208 -13.38 -16.88 2.79
CA ALA A 208 -14.00 -15.67 3.32
C ALA A 208 -13.26 -15.17 4.57
N VAL A 209 -12.82 -16.09 5.42
CA VAL A 209 -12.19 -15.70 6.69
C VAL A 209 -10.77 -15.21 6.46
N SER A 210 -9.96 -15.99 5.73
CA SER A 210 -8.59 -15.58 5.45
C SER A 210 -8.56 -14.22 4.77
N LYS A 211 -9.46 -14.02 3.82
CA LYS A 211 -9.60 -12.71 3.17
C LYS A 211 -9.91 -11.64 4.20
N PHE A 212 -10.82 -11.94 5.14
CA PHE A 212 -11.21 -10.94 6.13
C PHE A 212 -10.08 -10.66 7.13
N LEU A 213 -9.24 -11.66 7.42
CA LEU A 213 -8.15 -11.45 8.37
C LEU A 213 -6.98 -10.72 7.72
N LEU A 214 -6.45 -11.26 6.63
CA LEU A 214 -5.25 -10.70 6.04
C LEU A 214 -5.49 -9.33 5.40
N ALA A 215 -6.70 -9.09 4.90
CA ALA A 215 -6.98 -7.91 4.09
C ALA A 215 -7.83 -6.87 4.79
N PHE A 216 -8.15 -7.06 6.08
CA PHE A 216 -9.00 -6.11 6.77
C PHE A 216 -8.74 -6.10 8.27
N LEU A 217 -8.96 -7.22 8.94
CA LEU A 217 -8.83 -7.24 10.40
C LEU A 217 -7.41 -6.95 10.83
N VAL A 218 -6.44 -7.71 10.31
CA VAL A 218 -5.05 -7.49 10.68
C VAL A 218 -4.57 -6.09 10.30
N PRO A 219 -4.80 -5.60 9.07
CA PRO A 219 -4.43 -4.22 8.77
C PRO A 219 -4.96 -3.22 9.78
N LEU A 220 -6.27 -3.26 10.07
CA LEU A 220 -6.82 -2.31 11.03
C LEU A 220 -6.22 -2.50 12.41
N ALA A 221 -5.95 -3.75 12.80
CA ALA A 221 -5.29 -3.99 14.08
C ALA A 221 -3.91 -3.35 14.12
N ILE A 222 -3.11 -3.58 13.08
CA ILE A 222 -1.79 -2.94 13.00
C ILE A 222 -1.94 -1.43 13.00
N ILE A 223 -2.91 -0.92 12.26
CA ILE A 223 -3.11 0.54 12.18
C ILE A 223 -3.44 1.10 13.56
N ALA A 224 -4.41 0.50 14.23
CA ALA A 224 -4.81 0.99 15.55
C ALA A 224 -3.66 0.89 16.54
N SER A 225 -2.99 -0.27 16.57
CA SER A 225 -1.87 -0.45 17.49
C SER A 225 -0.81 0.61 17.26
N SER A 226 -0.40 0.79 16.00
CA SER A 226 0.60 1.80 15.68
C SER A 226 0.18 3.17 16.19
N HIS A 227 -1.08 3.54 15.94
CA HIS A 227 -1.56 4.86 16.34
C HIS A 227 -1.50 5.03 17.85
N ALA A 228 -1.79 3.96 18.59
CA ALA A 228 -1.74 4.05 20.05
C ALA A 228 -0.31 4.20 20.55
N ALA A 229 0.65 3.58 19.87
CA ALA A 229 2.04 3.65 20.32
C ALA A 229 2.64 5.05 20.12
N VAL A 230 2.44 5.63 18.94
CA VAL A 230 2.97 6.96 18.68
C VAL A 230 2.29 7.98 19.59
N SER A 231 0.98 7.80 19.83
CA SER A 231 0.25 8.75 20.64
C SER A 231 0.86 8.88 22.04
N LEU A 232 1.22 7.74 22.65
CA LEU A 232 1.78 7.78 23.99
C LEU A 232 3.21 8.31 23.97
N ARG A 233 3.99 7.94 22.96
CA ARG A 233 5.36 8.44 22.88
C ARG A 233 5.39 9.96 22.77
N LEU A 234 4.50 10.53 21.95
CA LEU A 234 4.44 11.97 21.83
C LEU A 234 3.97 12.62 23.13
N GLN A 235 3.04 11.96 23.83
CA GLN A 235 2.68 12.43 25.17
C GLN A 235 3.90 12.42 26.09
N HIS A 236 4.73 11.38 25.98
CA HIS A 236 5.90 11.27 26.85
C HIS A 236 7.00 12.24 26.44
N ARG A 237 7.16 12.48 25.14
CA ARG A 237 8.22 13.40 24.70
C ARG A 237 7.88 14.84 25.08
N ALA A 238 6.60 15.20 25.01
CA ALA A 238 6.20 16.56 25.37
C ALA A 238 6.50 16.84 26.84
N ASP A 239 6.24 15.87 27.72
CA ASP A 239 6.52 16.05 29.13
C ASP A 239 7.99 16.35 29.36
N LEU A 240 8.88 15.59 28.71
CA LEU A 240 10.31 15.78 28.90
C LEU A 240 10.77 17.14 28.37
N GLY A 241 10.26 17.55 27.21
CA GLY A 241 10.68 18.83 26.67
C GLY A 241 10.37 19.99 27.59
N LEU A 242 9.26 19.92 28.31
CA LEU A 242 8.88 20.96 29.25
C LEU A 242 9.69 20.90 30.54
N GLN A 243 10.64 19.98 30.65
CA GLN A 243 11.63 19.97 31.71
C GLN A 243 12.98 20.43 31.13
N HIS A 244 13.91 20.74 32.03
CA HIS A 244 15.19 21.33 31.63
C HIS A 244 16.16 20.24 31.15
N ARG A 245 15.77 19.56 30.08
CA ARG A 245 16.53 18.46 29.50
C ARG A 245 16.86 18.76 28.04
N ASN A 246 17.15 20.01 27.72
CA ASN A 246 17.51 20.42 26.37
C ASN A 246 18.98 20.84 26.37
N ILE A 247 19.86 19.84 26.30
CA ILE A 247 21.30 20.06 26.15
C ILE A 247 21.75 19.70 24.73
N PHE A 248 20.79 19.57 23.80
CA PHE A 248 20.99 19.20 22.39
C PHE A 248 21.08 17.70 22.15
N GLU A 249 20.74 16.87 23.13
CA GLU A 249 20.82 15.42 22.98
C GLU A 249 19.42 14.86 22.76
N GLU A 265 22.37 -6.53 17.01
CA GLU A 265 21.80 -5.79 18.12
C GLU A 265 20.29 -5.70 17.95
N LYS A 266 19.59 -5.49 19.07
CA LYS A 266 18.14 -5.63 19.13
C LYS A 266 17.50 -4.98 17.91
N LEU A 267 16.36 -5.51 17.47
CA LEU A 267 15.74 -5.02 16.24
C LEU A 267 15.49 -3.53 16.35
N PHE A 268 15.88 -2.78 15.32
CA PHE A 268 15.79 -1.33 15.31
C PHE A 268 16.55 -0.76 16.52
N ASN A 269 17.87 -0.99 16.48
CA ASN A 269 18.73 -0.75 17.63
C ASN A 269 19.13 0.72 17.74
N GLN A 270 20.00 1.00 18.71
CA GLN A 270 20.51 2.34 18.96
C GLN A 270 21.76 2.27 19.82
N ASP A 271 22.61 1.25 19.59
CA ASP A 271 23.76 0.98 20.45
C ASP A 271 24.95 1.80 19.97
N VAL A 272 25.15 2.96 20.61
CA VAL A 272 26.25 3.83 20.23
C VAL A 272 27.58 3.27 20.72
N ASP A 273 27.61 2.78 21.96
CA ASP A 273 28.86 2.29 22.54
C ASP A 273 29.46 1.17 21.71
N ALA A 274 28.63 0.34 21.08
CA ALA A 274 29.15 -0.78 20.31
C ALA A 274 30.00 -0.33 19.14
N ALA A 275 29.53 0.68 18.40
CA ALA A 275 30.26 1.12 17.22
C ALA A 275 31.55 1.86 17.62
N VAL A 276 31.48 2.69 18.65
CA VAL A 276 32.66 3.44 19.07
C VAL A 276 33.82 2.51 19.39
N ARG A 277 33.52 1.32 19.92
CA ARG A 277 34.56 0.35 20.19
C ARG A 277 35.07 -0.31 18.90
N GLY A 278 34.21 -0.43 17.89
CA GLY A 278 34.68 -0.87 16.58
C GLY A 278 35.34 0.21 15.78
N ILE A 279 34.93 1.47 15.98
CA ILE A 279 35.57 2.58 15.30
C ILE A 279 37.01 2.75 15.79
N LEU A 280 37.20 2.71 17.11
CA LEU A 280 38.54 2.83 17.67
C LEU A 280 39.38 1.60 17.36
N ARG A 281 38.75 0.43 17.18
CA ARG A 281 39.47 -0.78 16.85
C ARG A 281 39.97 -0.80 15.41
N ASN A 282 39.50 0.11 14.57
CA ASN A 282 39.95 0.21 13.18
C ASN A 282 41.02 1.29 13.08
N ALA A 283 42.14 0.96 12.44
CA ALA A 283 43.25 1.90 12.35
C ALA A 283 42.88 3.13 11.52
N LYS A 284 42.13 2.93 10.43
CA LYS A 284 41.78 4.04 9.55
C LYS A 284 40.78 5.00 10.18
N LEU A 285 39.99 4.52 11.14
CA LEU A 285 38.93 5.33 11.74
C LEU A 285 39.30 5.92 13.09
N LYS A 286 40.21 5.29 13.83
CA LYS A 286 40.58 5.82 15.14
C LYS A 286 41.07 7.27 15.09
N PRO A 287 42.07 7.61 14.27
CA PRO A 287 42.54 9.00 14.26
C PRO A 287 41.48 9.99 13.79
N VAL A 288 40.63 9.59 12.84
CA VAL A 288 39.58 10.48 12.36
C VAL A 288 38.51 10.68 13.42
N TYR A 289 38.22 9.62 14.19
CA TYR A 289 37.26 9.77 15.28
C TYR A 289 37.85 10.58 16.43
N ASP A 290 39.17 10.57 16.59
CA ASP A 290 39.79 11.34 17.67
C ASP A 290 39.97 12.81 17.28
N SER A 291 40.19 13.11 16.01
CA SER A 291 40.40 14.46 15.53
C SER A 291 39.11 15.21 15.27
N LEU A 292 37.99 14.75 15.82
CA LEU A 292 36.68 15.31 15.55
C LEU A 292 36.06 15.85 16.82
N ASP A 293 35.25 16.90 16.67
CA ASP A 293 34.48 17.42 17.79
C ASP A 293 33.33 16.47 18.10
N ALA A 294 32.64 16.76 19.21
CA ALA A 294 31.55 15.88 19.64
C ALA A 294 30.48 15.75 18.56
N VAL A 295 30.17 16.85 17.88
CA VAL A 295 29.07 16.82 16.91
C VAL A 295 29.43 15.96 15.71
N ARG A 296 30.63 16.15 15.15
CA ARG A 296 31.02 15.40 13.96
C ARG A 296 31.29 13.94 14.27
N ARG A 297 31.59 13.61 15.53
CA ARG A 297 31.77 12.21 15.88
C ARG A 297 30.48 11.42 15.75
N ALA A 298 29.33 12.06 16.03
CA ALA A 298 28.06 11.37 15.87
C ALA A 298 27.75 11.10 14.40
N ALA A 299 27.97 12.09 13.54
CA ALA A 299 27.77 11.88 12.11
C ALA A 299 28.66 10.76 11.58
N LEU A 300 29.85 10.59 12.16
CA LEU A 300 30.71 9.49 11.77
C LEU A 300 30.11 8.15 12.21
N ILE A 301 29.51 8.12 13.40
CA ILE A 301 28.88 6.89 13.88
C ILE A 301 27.67 6.55 13.01
N ASN A 302 26.94 7.57 12.56
CA ASN A 302 25.79 7.33 11.69
C ASN A 302 26.23 6.61 10.41
N MET A 303 27.39 7.00 9.86
CA MET A 303 27.89 6.29 8.68
C MET A 303 28.13 4.83 8.99
N VAL A 304 28.69 4.53 10.16
CA VAL A 304 28.95 3.14 10.53
C VAL A 304 27.64 2.37 10.64
N PHE A 305 26.61 3.00 11.21
CA PHE A 305 25.30 2.35 11.26
C PHE A 305 24.78 2.05 9.87
N GLN A 306 25.04 2.93 8.91
CA GLN A 306 24.44 2.81 7.59
C GLN A 306 25.18 1.81 6.71
N MET A 307 26.52 1.91 6.66
CA MET A 307 27.31 1.09 5.74
C MET A 307 28.38 0.27 6.45
N GLY A 308 28.41 0.27 7.79
CA GLY A 308 29.38 -0.50 8.52
C GLY A 308 30.76 0.16 8.50
N GLU A 309 31.62 -0.31 9.41
CA GLU A 309 32.96 0.23 9.48
C GLU A 309 33.79 -0.20 8.29
N THR A 310 33.53 -1.38 7.74
CA THR A 310 34.25 -1.82 6.54
C THR A 310 33.99 -0.88 5.37
N GLY A 311 32.81 -0.28 5.30
CA GLY A 311 32.47 0.60 4.21
C GLY A 311 33.02 2.00 4.38
N VAL A 312 32.79 2.58 5.56
CA VAL A 312 33.30 3.94 5.82
C VAL A 312 34.82 3.96 5.75
N ALA A 313 35.47 2.84 6.09
CA ALA A 313 36.92 2.75 5.96
C ALA A 313 37.36 2.76 4.49
N GLY A 314 36.48 2.38 3.57
CA GLY A 314 36.82 2.42 2.17
C GLY A 314 37.07 3.82 1.65
N PHE A 315 36.42 4.82 2.26
CA PHE A 315 36.57 6.21 1.86
C PHE A 315 37.95 6.69 2.31
N THR A 316 38.97 6.31 1.55
CA THR A 316 40.34 6.63 1.93
C THR A 316 40.59 8.13 1.84
N ASN A 317 40.34 8.73 0.67
CA ASN A 317 40.68 10.13 0.48
C ASN A 317 39.82 11.06 1.30
N SER A 318 38.55 10.68 1.54
CA SER A 318 37.64 11.59 2.23
C SER A 318 37.92 11.65 3.72
N LEU A 319 38.25 10.51 4.34
CA LEU A 319 38.61 10.52 5.75
C LEU A 319 39.81 11.44 5.99
N ARG A 320 40.76 11.45 5.05
CA ARG A 320 41.90 12.35 5.14
C ARG A 320 41.46 13.79 5.31
N MET A 321 40.41 14.18 4.58
CA MET A 321 39.94 15.56 4.64
C MET A 321 39.34 15.87 6.00
N LEU A 322 38.57 14.96 6.56
CA LEU A 322 37.93 15.20 7.85
C LEU A 322 38.97 15.37 8.95
N GLN A 323 39.97 14.48 8.98
CA GLN A 323 40.99 14.58 10.01
C GLN A 323 41.76 15.90 9.90
N GLN A 324 41.85 16.45 8.70
CA GLN A 324 42.57 17.69 8.45
C GLN A 324 41.65 18.92 8.47
N LYS A 325 40.43 18.78 8.97
CA LYS A 325 39.49 19.89 9.07
C LYS A 325 39.10 20.45 7.70
N ARG A 326 39.38 19.71 6.62
CA ARG A 326 39.00 20.13 5.27
C ARG A 326 37.57 19.68 5.00
N TRP A 327 36.63 20.43 5.55
CA TRP A 327 35.22 20.04 5.51
C TRP A 327 34.64 20.19 4.10
N ASP A 328 34.56 21.43 3.60
CA ASP A 328 33.97 21.66 2.29
C ASP A 328 34.58 20.75 1.23
N GLU A 329 35.87 20.45 1.35
CA GLU A 329 36.53 19.59 0.38
C GLU A 329 36.10 18.14 0.55
N ALA A 330 35.87 17.71 1.79
CA ALA A 330 35.40 16.34 2.01
C ALA A 330 33.99 16.14 1.47
N ALA A 331 33.14 17.17 1.61
CA ALA A 331 31.76 17.04 1.18
C ALA A 331 31.66 16.76 -0.32
N VAL A 332 32.47 17.46 -1.12
CA VAL A 332 32.46 17.22 -2.56
C VAL A 332 32.73 15.76 -2.85
N ASN A 333 33.69 15.17 -2.14
CA ASN A 333 34.05 13.79 -2.39
C ASN A 333 32.90 12.84 -2.06
N LEU A 334 32.21 13.08 -0.94
CA LEU A 334 31.14 12.18 -0.54
C LEU A 334 29.94 12.28 -1.48
N ALA A 335 29.65 13.48 -1.98
CA ALA A 335 28.55 13.65 -2.91
C ALA A 335 28.80 12.93 -4.23
N LYS A 336 30.05 12.59 -4.52
CA LYS A 336 30.40 11.82 -5.71
C LYS A 336 30.28 10.31 -5.49
N SER A 337 30.10 9.86 -4.25
CA SER A 337 30.12 8.44 -3.95
C SER A 337 28.78 7.80 -4.26
N ARG A 338 28.82 6.48 -4.45
CA ARG A 338 27.59 5.72 -4.62
C ARG A 338 26.68 5.87 -3.40
N TRP A 339 27.28 5.93 -2.21
CA TRP A 339 26.52 6.07 -0.98
C TRP A 339 25.59 7.27 -1.04
N TYR A 340 26.05 8.37 -1.65
CA TYR A 340 25.21 9.55 -1.77
C TYR A 340 24.26 9.46 -2.96
N ASN A 341 24.64 8.74 -4.01
CA ASN A 341 23.83 8.67 -5.23
C ASN A 341 22.74 7.61 -5.18
N GLN A 342 22.68 6.80 -4.11
CA GLN A 342 21.62 5.84 -3.91
C GLN A 342 20.69 6.22 -2.77
N THR A 343 21.22 6.77 -1.69
CA THR A 343 20.44 7.20 -0.53
C THR A 343 20.84 8.62 -0.19
N PRO A 344 20.48 9.58 -1.05
CA PRO A 344 20.99 10.95 -0.86
C PRO A 344 20.52 11.62 0.42
N ASN A 345 19.24 11.45 0.78
CA ASN A 345 18.70 12.17 1.93
C ASN A 345 19.50 11.85 3.19
N ARG A 346 19.72 10.57 3.48
CA ARG A 346 20.45 10.21 4.69
C ARG A 346 21.92 10.57 4.58
N ALA A 347 22.49 10.53 3.37
CA ALA A 347 23.88 10.93 3.20
C ALA A 347 24.03 12.45 3.26
N LYS A 348 23.10 13.19 2.66
CA LYS A 348 23.13 14.65 2.78
C LYS A 348 23.10 15.07 4.25
N ARG A 349 22.33 14.35 5.06
CA ARG A 349 22.29 14.64 6.50
C ARG A 349 23.68 14.50 7.12
N VAL A 350 24.38 13.41 6.78
CA VAL A 350 25.69 13.17 7.37
C VAL A 350 26.72 14.12 6.78
N ILE A 351 26.67 14.37 5.48
CA ILE A 351 27.65 15.25 4.85
C ILE A 351 27.57 16.65 5.44
N THR A 352 26.38 17.24 5.42
CA THR A 352 26.24 18.61 5.94
C THR A 352 26.63 18.70 7.41
N THR A 353 26.40 17.64 8.18
CA THR A 353 26.80 17.67 9.58
C THR A 353 28.30 17.82 9.73
N PHE A 354 29.07 17.17 8.84
CA PHE A 354 30.52 17.38 8.83
C PHE A 354 30.85 18.82 8.43
N ARG A 355 30.14 19.37 7.46
CA ARG A 355 30.41 20.73 7.01
C ARG A 355 30.19 21.73 8.13
N THR A 356 28.95 21.84 8.61
CA THR A 356 28.62 22.87 9.59
C THR A 356 29.17 22.53 10.97
N GLY A 357 29.23 21.25 11.32
CA GLY A 357 29.61 20.87 12.67
C GLY A 357 28.53 21.07 13.70
N THR A 358 27.30 21.35 13.28
CA THR A 358 26.16 21.48 14.18
C THR A 358 25.26 20.25 14.00
N TRP A 359 24.10 20.27 14.68
CA TRP A 359 23.15 19.18 14.62
C TRP A 359 21.81 19.62 14.03
N ASP A 360 21.79 20.72 13.28
CA ASP A 360 20.54 21.21 12.70
C ASP A 360 20.02 20.25 11.63
N ALA A 361 20.91 19.59 10.89
CA ALA A 361 20.48 18.71 9.81
C ALA A 361 19.46 17.68 10.32
N TYR A 362 19.64 17.21 11.55
CA TYR A 362 18.67 16.30 12.16
C TYR A 362 17.60 17.11 12.89
N ARG A 363 16.96 17.99 12.14
CA ARG A 363 15.86 18.80 12.64
C ARG A 363 14.88 17.97 13.45
N ARG A 364 14.15 17.08 12.76
CA ARG A 364 13.10 16.29 13.38
C ARG A 364 11.91 17.20 13.69
N ARG A 365 11.35 17.82 12.66
CA ARG A 365 10.13 18.58 12.77
C ARG A 365 8.92 17.65 12.64
N PRO A 366 7.73 18.13 13.00
CA PRO A 366 6.56 17.24 13.02
C PRO A 366 6.33 16.54 11.68
N GLY A 367 5.55 15.45 11.75
CA GLY A 367 5.30 14.67 10.56
C GLY A 367 4.17 15.22 9.71
N ARG A 368 4.22 14.85 8.43
CA ARG A 368 3.23 15.27 7.44
C ARG A 368 2.37 14.08 7.03
N PHE A 369 1.40 14.34 6.16
CA PHE A 369 0.52 13.34 5.59
C PHE A 369 -0.33 12.64 6.65
N VAL A 370 -0.39 13.20 7.86
CA VAL A 370 -1.22 12.61 8.89
C VAL A 370 -2.69 12.70 8.51
N ARG A 371 -3.12 13.86 8.01
CA ARG A 371 -4.50 14.00 7.55
C ARG A 371 -4.78 13.05 6.39
N LEU A 372 -3.83 12.92 5.46
CA LEU A 372 -4.00 12.01 4.34
C LEU A 372 -4.15 10.57 4.83
N VAL A 373 -3.17 10.09 5.59
CA VAL A 373 -3.19 8.69 6.03
C VAL A 373 -4.45 8.41 6.84
N ALA A 374 -4.89 9.39 7.64
CA ALA A 374 -6.11 9.20 8.41
C ALA A 374 -7.32 9.05 7.51
N ALA A 375 -7.41 9.88 6.46
CA ALA A 375 -8.57 9.82 5.57
C ALA A 375 -8.61 8.50 4.82
N VAL A 376 -7.48 8.08 4.26
CA VAL A 376 -7.47 6.86 3.46
C VAL A 376 -7.85 5.65 4.32
N VAL A 377 -7.38 5.63 5.57
CA VAL A 377 -7.72 4.52 6.46
C VAL A 377 -9.22 4.51 6.74
N ALA A 378 -9.81 5.69 6.95
CA ALA A 378 -11.25 5.75 7.15
C ALA A 378 -11.99 5.28 5.91
N ALA A 379 -11.56 5.74 4.74
CA ALA A 379 -12.19 5.30 3.49
C ALA A 379 -12.04 3.79 3.32
N PHE A 380 -10.83 3.27 3.55
CA PHE A 380 -10.61 1.84 3.45
C PHE A 380 -11.56 1.07 4.36
N ALA A 381 -11.78 1.57 5.57
CA ALA A 381 -12.61 0.84 6.53
C ALA A 381 -14.09 0.85 6.12
N LEU A 382 -14.59 1.99 5.65
CA LEU A 382 -16.01 2.07 5.32
C LEU A 382 -16.34 1.33 4.03
N CYS A 383 -15.44 1.32 3.06
CA CYS A 383 -15.77 0.72 1.77
C CYS A 383 -15.64 -0.79 1.79
N TRP A 384 -14.58 -1.31 2.38
CA TRP A 384 -14.34 -2.76 2.41
C TRP A 384 -15.01 -3.44 3.59
N GLY A 385 -15.42 -2.70 4.60
CA GLY A 385 -16.11 -3.28 5.73
C GLY A 385 -17.38 -4.00 5.32
N PRO A 386 -18.30 -3.29 4.65
CA PRO A 386 -19.55 -3.93 4.22
C PRO A 386 -19.33 -5.14 3.35
N TYR A 387 -18.34 -5.10 2.45
CA TYR A 387 -18.08 -6.23 1.58
C TYR A 387 -17.78 -7.49 2.40
N HIS A 388 -16.88 -7.37 3.36
CA HIS A 388 -16.49 -8.54 4.14
C HIS A 388 -17.62 -9.04 5.02
N VAL A 389 -18.55 -8.16 5.42
CA VAL A 389 -19.67 -8.59 6.23
C VAL A 389 -20.54 -9.58 5.45
N PHE A 390 -20.93 -9.21 4.22
CA PHE A 390 -21.82 -10.07 3.45
C PHE A 390 -21.11 -11.34 3.00
N SER A 391 -19.81 -11.26 2.69
CA SER A 391 -19.10 -12.45 2.24
C SER A 391 -19.08 -13.52 3.32
N LEU A 392 -18.93 -13.12 4.58
CA LEU A 392 -18.97 -14.07 5.68
C LEU A 392 -20.37 -14.65 5.85
N LEU A 393 -21.40 -13.81 5.73
CA LEU A 393 -22.77 -14.32 5.74
C LEU A 393 -22.95 -15.38 4.66
N GLU A 394 -22.39 -15.14 3.48
CA GLU A 394 -22.42 -16.13 2.42
C GLU A 394 -21.85 -17.47 2.89
N ALA A 395 -20.71 -17.42 3.59
CA ALA A 395 -20.12 -18.65 4.12
C ALA A 395 -21.05 -19.31 5.12
N ARG A 396 -21.69 -18.50 5.98
CA ARG A 396 -22.65 -19.04 6.94
C ARG A 396 -23.95 -19.44 6.29
N ALA A 397 -24.28 -18.88 5.12
CA ALA A 397 -25.55 -19.17 4.46
C ALA A 397 -25.58 -20.57 3.86
N HIS A 398 -24.45 -21.25 3.74
CA HIS A 398 -24.47 -22.64 3.29
C HIS A 398 -25.33 -23.49 4.22
N ALA A 399 -25.07 -23.40 5.53
CA ALA A 399 -25.86 -24.14 6.50
C ALA A 399 -27.24 -23.51 6.70
N ASN A 400 -27.28 -22.18 6.85
CA ASN A 400 -28.53 -21.47 7.06
C ASN A 400 -29.03 -20.93 5.73
N PRO A 401 -29.95 -21.63 5.05
CA PRO A 401 -30.42 -21.11 3.74
C PRO A 401 -31.19 -19.81 3.85
N GLY A 402 -31.69 -19.44 5.03
CA GLY A 402 -32.44 -18.21 5.16
C GLY A 402 -31.65 -16.98 4.77
N LEU A 403 -30.33 -17.03 4.95
CA LEU A 403 -29.49 -15.89 4.61
C LEU A 403 -29.29 -15.75 3.11
N ARG A 404 -29.37 -16.86 2.38
CA ARG A 404 -29.03 -16.86 0.95
C ARG A 404 -29.71 -15.75 0.16
N PRO A 405 -31.04 -15.58 0.24
CA PRO A 405 -31.65 -14.48 -0.53
C PRO A 405 -31.09 -13.12 -0.17
N LEU A 406 -30.82 -12.88 1.12
CA LEU A 406 -30.22 -11.61 1.52
C LEU A 406 -28.85 -11.42 0.90
N VAL A 407 -28.02 -12.47 0.91
CA VAL A 407 -26.70 -12.38 0.31
C VAL A 407 -26.79 -12.21 -1.19
N TRP A 408 -27.73 -12.91 -1.84
CA TRP A 408 -27.86 -12.81 -3.29
C TRP A 408 -28.00 -11.37 -3.73
N ARG A 409 -28.94 -10.65 -3.12
CA ARG A 409 -29.21 -9.28 -3.52
C ARG A 409 -28.24 -8.29 -2.87
N GLY A 410 -27.81 -8.56 -1.64
CA GLY A 410 -27.01 -7.60 -0.89
C GLY A 410 -25.53 -7.61 -1.20
N LEU A 411 -25.02 -8.70 -1.77
CA LEU A 411 -23.58 -8.83 -1.95
C LEU A 411 -23.08 -8.00 -3.13
N PRO A 412 -23.79 -7.97 -4.27
CA PRO A 412 -23.30 -7.16 -5.39
C PRO A 412 -23.22 -5.67 -5.07
N PHE A 413 -24.03 -5.18 -4.14
CA PHE A 413 -24.00 -3.76 -3.82
C PHE A 413 -22.76 -3.38 -3.02
N VAL A 414 -22.36 -4.25 -2.07
CA VAL A 414 -21.16 -3.95 -1.29
C VAL A 414 -19.91 -4.07 -2.15
N THR A 415 -19.95 -4.90 -3.20
CA THR A 415 -18.79 -5.03 -4.08
C THR A 415 -18.59 -3.76 -4.90
N SER A 416 -19.68 -3.19 -5.43
CA SER A 416 -19.57 -1.92 -6.12
C SER A 416 -19.05 -0.83 -5.19
N LEU A 417 -19.37 -0.93 -3.90
CA LEU A 417 -18.83 0.01 -2.93
C LEU A 417 -17.31 -0.07 -2.88
N ALA A 418 -16.77 -1.29 -2.76
CA ALA A 418 -15.33 -1.45 -2.70
C ALA A 418 -14.65 -0.83 -3.92
N PHE A 419 -15.23 -1.01 -5.10
CA PHE A 419 -14.65 -0.41 -6.30
C PHE A 419 -14.58 1.11 -6.17
N PHE A 420 -15.66 1.73 -5.69
CA PHE A 420 -15.69 3.19 -5.61
C PHE A 420 -14.65 3.73 -4.64
N ASN A 421 -14.09 2.88 -3.78
CA ASN A 421 -12.98 3.31 -2.93
C ASN A 421 -11.80 3.79 -3.77
N SER A 422 -11.54 3.12 -4.89
CA SER A 422 -10.47 3.53 -5.80
C SER A 422 -10.79 4.85 -6.51
N VAL A 423 -12.04 5.29 -6.47
CA VAL A 423 -12.39 6.59 -7.03
C VAL A 423 -12.33 7.70 -5.98
N ALA A 424 -12.52 7.35 -4.70
CA ALA A 424 -12.50 8.35 -3.64
C ALA A 424 -11.11 8.64 -3.14
N ASN A 425 -10.25 7.62 -3.05
CA ASN A 425 -8.89 7.82 -2.56
C ASN A 425 -8.17 8.95 -3.29
N PRO A 426 -8.20 9.04 -4.62
CA PRO A 426 -7.53 10.17 -5.29
C PRO A 426 -8.04 11.52 -4.82
N VAL A 427 -9.34 11.64 -4.55
CA VAL A 427 -9.89 12.91 -4.06
C VAL A 427 -9.39 13.18 -2.64
N LEU A 428 -9.40 12.15 -1.79
CA LEU A 428 -8.94 12.33 -0.42
C LEU A 428 -7.48 12.78 -0.39
N TYR A 429 -6.66 12.27 -1.30
CA TYR A 429 -5.25 12.68 -1.37
C TYR A 429 -5.16 14.20 -1.49
N VAL A 430 -5.93 14.77 -2.41
CA VAL A 430 -5.82 16.20 -2.71
C VAL A 430 -6.45 17.04 -1.61
N LEU A 431 -7.61 16.61 -1.09
CA LEU A 431 -8.31 17.43 -0.09
C LEU A 431 -7.47 17.59 1.18
N THR A 432 -6.75 16.55 1.57
CA THR A 432 -6.06 16.55 2.86
C THR A 432 -4.56 16.84 2.73
N PRO A 434 -2.44 20.07 0.92
CA PRO A 434 -2.21 21.28 0.13
C PRO A 434 -1.06 21.14 -0.88
N ASP A 435 0.07 20.58 -0.44
CA ASP A 435 1.17 20.36 -1.38
C ASP A 435 0.73 19.54 -2.57
N MET A 436 -0.25 18.65 -2.38
CA MET A 436 -0.74 17.84 -3.49
C MET A 436 -1.57 18.68 -4.46
N LEU A 437 -2.53 19.44 -3.94
CA LEU A 437 -3.36 20.28 -4.81
C LEU A 437 -2.54 21.37 -5.46
N ARG A 438 -1.56 21.92 -4.74
CA ARG A 438 -0.78 23.03 -5.27
C ARG A 438 -0.03 22.61 -6.53
N LYS A 439 0.73 21.52 -6.46
CA LYS A 439 1.51 21.08 -7.60
C LYS A 439 0.65 20.50 -8.71
N LEU A 440 -0.61 20.17 -8.43
CA LEU A 440 -1.53 19.80 -9.49
C LEU A 440 -1.96 21.03 -10.28
N ARG A 441 -2.26 22.13 -9.58
CA ARG A 441 -2.69 23.35 -10.27
C ARG A 441 -1.57 23.91 -11.14
N ARG A 442 -0.36 24.00 -10.60
CA ARG A 442 0.76 24.57 -11.35
C ARG A 442 0.95 23.82 -12.67
N SER A 443 0.90 22.48 -12.63
CA SER A 443 1.00 21.70 -13.86
C SER A 443 -0.25 21.86 -14.72
N LEU A 444 -1.41 22.08 -14.09
CA LEU A 444 -2.64 22.31 -14.86
C LEU A 444 -2.59 23.66 -15.56
N ARG A 445 -1.84 24.62 -15.02
CA ARG A 445 -1.73 25.93 -15.66
C ARG A 445 -0.71 25.90 -16.78
N THR A 446 0.43 25.26 -16.56
CA THR A 446 1.42 25.10 -17.62
C THR A 446 0.81 24.42 -18.84
N VAL A 447 -0.13 23.49 -18.64
CA VAL A 447 -0.82 22.88 -19.75
C VAL A 447 -1.82 23.85 -20.39
N LEU A 448 -2.29 24.85 -19.63
CA LEU A 448 -3.19 25.86 -20.15
C LEU A 448 -2.50 27.20 -20.38
N GLU A 449 -1.17 27.27 -20.27
CA GLU A 449 -0.44 28.51 -20.42
C GLU A 449 0.44 28.56 -21.66
N SER A 450 0.78 27.41 -22.25
CA SER A 450 1.55 27.41 -23.48
C SER A 450 0.74 27.96 -24.65
N VAL A 451 -0.58 27.79 -24.62
CA VAL A 451 -1.42 28.29 -25.70
C VAL A 451 -1.37 29.81 -25.77
N LEU A 452 -1.24 30.48 -24.63
CA LEU A 452 -1.46 31.93 -24.56
C LEU A 452 -0.27 32.72 -25.10
N VAL A 453 0.95 32.28 -24.84
CA VAL A 453 2.14 33.10 -25.05
C VAL A 453 2.83 32.68 -26.35
N ASP A 454 2.94 33.63 -27.28
CA ASP A 454 3.67 33.44 -28.54
C ASP A 454 3.29 32.12 -29.20
N ASP A 455 1.99 31.92 -29.38
CA ASP A 455 1.47 30.68 -29.95
C ASP A 455 2.21 30.29 -31.23
#